data_7BDT
#
_entry.id   7BDT
#
_cell.length_a   82.097
_cell.length_b   111.945
_cell.length_c   62.569
_cell.angle_alpha   90.000
_cell.angle_beta   90.000
_cell.angle_gamma   90.000
#
_symmetry.space_group_name_H-M   'C 2 2 21'
#
loop_
_entity.id
_entity.type
_entity.pdbx_description
1 polymer '14-3-3 protein sigma'
2 polymer 'Peptidyl-prolyl cis-trans isomerase NIMA-interacting 1'
3 non-polymer 2-bromanyl-4-(2-phenylimidazol-1-yl)benzaldehyde
4 non-polymer 'MAGNESIUM ION'
5 water water
#
loop_
_entity_poly.entity_id
_entity_poly.type
_entity_poly.pdbx_seq_one_letter_code
_entity_poly.pdbx_strand_id
1 'polypeptide(L)'
;AMGSMERASLIQKAKLAEQAERYEDMAAFMKGAVEKGEELS(CSO)EERNLLSVAYKNVVGGQRAAWRVLSSIEQKSNEE
GSEEKGPEVREYREKVETELQGVCDTVLGLLDSHLIKEAGDAESRVFYLKMKGDYYRYLAEVATGDDKKRIIDSARSAYQ
EAMDISKKEMPPTNPIRLGLALNFSVFHYEIANSPEEAISLAKTTFDEAMADLHTLSEDSYKDSTLIMQLLRDNLTLWTA
DNAGEEGGEAPQEPQS
;
A
2 'polypeptide(L)' LVKHSQSRRPS(SEP)WRQEK P
#
loop_
_chem_comp.id
_chem_comp.type
_chem_comp.name
_chem_comp.formula
MG non-polymer 'MAGNESIUM ION' 'Mg 2'
TJ8 non-polymer 2-bromanyl-4-(2-phenylimidazol-1-yl)benzaldehyde 'C16 H11 Br N2 O'
#
# COMPACT_ATOMS: atom_id res chain seq x y z
N ALA A 1 13.82 10.72 15.75
CA ALA A 1 14.01 12.12 16.12
C ALA A 1 12.78 12.69 16.81
N MET A 2 11.73 11.87 16.92
CA MET A 2 10.44 12.32 17.42
C MET A 2 10.17 11.87 18.85
N GLY A 3 11.16 11.28 19.52
CA GLY A 3 10.94 10.72 20.83
C GLY A 3 10.54 11.75 21.89
N SER A 4 10.91 13.02 21.70
N SER A 4 10.91 13.01 21.70
CA SER A 4 10.62 14.04 22.69
CA SER A 4 10.59 14.01 22.70
C SER A 4 9.27 14.73 22.46
C SER A 4 9.16 14.54 22.58
N MET A 5 8.51 14.34 21.43
CA MET A 5 7.19 14.91 21.19
C MET A 5 6.09 13.97 21.68
N GLU A 6 5.07 14.55 22.31
CA GLU A 6 3.87 13.81 22.72
C GLU A 6 3.24 13.08 21.55
N ARG A 7 2.68 11.89 21.83
CA ARG A 7 1.96 11.15 20.79
C ARG A 7 0.86 12.00 20.15
N ALA A 8 0.02 12.65 20.99
CA ALA A 8 -1.10 13.40 20.43
C ALA A 8 -0.60 14.57 19.58
N SER A 9 0.54 15.17 19.94
CA SER A 9 1.09 16.25 19.14
C SER A 9 1.64 15.73 17.80
N LEU A 10 2.26 14.55 17.80
CA LEU A 10 2.68 13.93 16.54
C LEU A 10 1.48 13.68 15.64
N ILE A 11 0.37 13.20 16.20
CA ILE A 11 -0.82 12.95 15.39
C ILE A 11 -1.38 14.26 14.84
N GLN A 12 -1.50 15.26 15.71
N GLN A 12 -1.50 15.28 15.69
CA GLN A 12 -1.97 16.58 15.30
CA GLN A 12 -2.03 16.54 15.17
C GLN A 12 -1.11 17.14 14.17
C GLN A 12 -1.10 17.16 14.12
N LYS A 13 0.22 17.04 14.32
CA LYS A 13 1.14 17.56 13.31
C LYS A 13 1.06 16.75 12.02
N ALA A 14 0.85 15.44 12.09
CA ALA A 14 0.64 14.66 10.87
C ALA A 14 -0.57 15.17 10.09
N LYS A 15 -1.66 15.51 10.79
CA LYS A 15 -2.84 16.03 10.11
C LYS A 15 -2.56 17.40 9.49
N LEU A 16 -1.79 18.24 10.19
CA LEU A 16 -1.40 19.53 9.62
C LEU A 16 -0.52 19.37 8.39
N ALA A 17 0.43 18.43 8.45
CA ALA A 17 1.31 18.20 7.31
C ALA A 17 0.54 17.71 6.09
N GLU A 18 -0.46 16.85 6.31
CA GLU A 18 -1.31 16.42 5.20
C GLU A 18 -2.00 17.60 4.53
N GLN A 19 -2.56 18.50 5.35
CA GLN A 19 -3.23 19.68 4.80
C GLN A 19 -2.25 20.58 4.05
N ALA A 20 -1.00 20.64 4.50
CA ALA A 20 0.05 21.40 3.86
C ALA A 20 0.71 20.65 2.72
N GLU A 21 0.26 19.43 2.44
CA GLU A 21 0.87 18.55 1.42
C GLU A 21 2.37 18.39 1.66
N ARG A 22 2.75 18.23 2.93
CA ARG A 22 4.13 18.01 3.33
C ARG A 22 4.23 16.55 3.77
N TYR A 23 4.29 15.64 2.79
CA TYR A 23 4.10 14.24 3.09
C TYR A 23 5.34 13.60 3.74
N GLU A 24 6.54 14.11 3.44
CA GLU A 24 7.71 13.60 4.14
C GLU A 24 7.62 13.92 5.62
N ASP A 25 7.24 15.15 5.96
CA ASP A 25 6.96 15.50 7.36
C ASP A 25 5.89 14.59 7.94
N MET A 26 4.80 14.41 7.20
CA MET A 26 3.68 13.59 7.66
C MET A 26 4.15 12.18 8.03
N ALA A 27 4.98 11.61 7.18
CA ALA A 27 5.47 10.25 7.41
C ALA A 27 6.37 10.19 8.63
N ALA A 28 7.20 11.21 8.81
CA ALA A 28 8.09 11.24 9.97
C ALA A 28 7.29 11.38 11.26
N PHE A 29 6.25 12.22 11.25
CA PHE A 29 5.38 12.36 12.41
C PHE A 29 4.68 11.03 12.73
N MET A 30 4.14 10.37 11.70
CA MET A 30 3.45 9.11 11.94
C MET A 30 4.42 7.99 12.36
N LYS A 31 5.63 7.99 11.81
CA LYS A 31 6.65 7.04 12.29
C LYS A 31 6.90 7.26 13.78
N GLY A 32 7.05 8.53 14.19
CA GLY A 32 7.23 8.82 15.60
C GLY A 32 6.05 8.36 16.44
N ALA A 33 4.82 8.53 15.93
CA ALA A 33 3.64 8.09 16.65
C ALA A 33 3.64 6.58 16.81
N VAL A 34 3.96 5.83 15.73
CA VAL A 34 4.04 4.37 15.83
C VAL A 34 5.06 3.96 16.88
N GLU A 35 6.24 4.61 16.89
CA GLU A 35 7.32 4.24 17.80
C GLU A 35 6.99 4.53 19.26
N LYS A 36 5.89 5.23 19.55
CA LYS A 36 5.43 5.33 20.93
C LYS A 36 5.03 3.98 21.50
N GLY A 37 4.75 2.99 20.65
CA GLY A 37 4.47 1.63 21.10
C GLY A 37 3.00 1.32 21.34
N GLU A 38 2.11 2.28 21.24
CA GLU A 38 0.68 2.02 21.37
C GLU A 38 0.09 1.62 20.02
N GLU A 39 -0.96 0.82 20.05
CA GLU A 39 -1.66 0.47 18.82
C GLU A 39 -2.23 1.73 18.17
N LEU A 40 -2.50 1.65 16.87
CA LEU A 40 -3.03 2.77 16.12
C LEU A 40 -4.53 2.61 15.94
N SER A 41 -5.26 3.73 16.06
CA SER A 41 -6.69 3.74 15.75
C SER A 41 -6.93 3.65 14.26
N CSO A 42 -8.19 3.46 13.85
N CSO A 42 -8.19 3.51 13.88
CA CSO A 42 -8.53 3.44 12.43
CA CSO A 42 -8.59 3.43 12.48
CB CSO A 42 -10.05 3.35 12.19
CB CSO A 42 -10.11 3.30 12.39
SG CSO A 42 -10.65 1.66 12.40
SG CSO A 42 -10.68 3.36 10.69
C CSO A 42 -8.02 4.69 11.73
C CSO A 42 -8.10 4.67 11.72
O CSO A 42 -7.31 4.61 10.72
O CSO A 42 -7.50 4.57 10.64
OD CSO A 42 -10.92 0.86 10.82
OD CSO A 42 -10.98 5.05 10.20
N GLU A 43 -8.36 5.84 12.28
CA GLU A 43 -7.99 7.10 11.65
C GLU A 43 -6.45 7.23 11.59
N GLU A 44 -5.78 6.80 12.65
CA GLU A 44 -4.32 6.88 12.71
C GLU A 44 -3.66 5.93 11.70
N ARG A 45 -4.21 4.72 11.56
CA ARG A 45 -3.71 3.83 10.51
C ARG A 45 -3.82 4.48 9.15
N ASN A 46 -4.96 5.14 8.90
N ASN A 46 -4.94 5.17 8.89
CA ASN A 46 -5.14 5.85 7.64
CA ASN A 46 -5.07 5.79 7.59
C ASN A 46 -4.05 6.89 7.43
C ASN A 46 -4.10 6.94 7.40
N LEU A 47 -3.76 7.67 8.47
CA LEU A 47 -2.76 8.73 8.33
C LEU A 47 -1.40 8.14 8.00
N LEU A 48 -1.02 7.05 8.66
CA LEU A 48 0.25 6.37 8.38
C LEU A 48 0.30 5.94 6.93
N SER A 49 -0.77 5.31 6.45
CA SER A 49 -0.82 4.81 5.09
C SER A 49 -0.73 5.95 4.07
N VAL A 50 -1.53 7.00 4.25
CA VAL A 50 -1.52 8.13 3.32
C VAL A 50 -0.14 8.76 3.24
N ALA A 51 0.51 8.93 4.40
CA ALA A 51 1.81 9.58 4.43
C ALA A 51 2.82 8.81 3.60
N TYR A 52 3.00 7.53 3.90
CA TYR A 52 4.02 6.77 3.20
C TYR A 52 3.64 6.47 1.75
N LYS A 53 2.33 6.32 1.46
CA LYS A 53 1.93 6.12 0.07
C LYS A 53 2.31 7.32 -0.78
N ASN A 54 2.17 8.52 -0.23
CA ASN A 54 2.54 9.71 -0.99
C ASN A 54 4.04 9.80 -1.17
N VAL A 55 4.82 9.50 -0.12
CA VAL A 55 6.27 9.57 -0.21
C VAL A 55 6.79 8.57 -1.25
N VAL A 56 6.42 7.29 -1.09
N VAL A 56 6.42 7.29 -1.09
CA VAL A 56 6.93 6.28 -2.02
CA VAL A 56 6.94 6.30 -2.03
C VAL A 56 6.33 6.47 -3.40
C VAL A 56 6.35 6.52 -3.41
N GLY A 57 5.12 7.04 -3.49
CA GLY A 57 4.53 7.29 -4.79
C GLY A 57 5.34 8.27 -5.61
N GLY A 58 5.82 9.34 -4.97
CA GLY A 58 6.73 10.26 -5.66
C GLY A 58 8.03 9.60 -6.07
N GLN A 59 8.58 8.74 -5.22
CA GLN A 59 9.82 8.05 -5.59
C GLN A 59 9.57 7.07 -6.73
N ARG A 60 8.44 6.36 -6.71
CA ARG A 60 8.14 5.43 -7.78
C ARG A 60 7.98 6.15 -9.11
N ALA A 61 7.28 7.29 -9.09
CA ALA A 61 7.10 8.06 -10.32
C ALA A 61 8.44 8.55 -10.86
N ALA A 62 9.33 9.00 -9.97
CA ALA A 62 10.65 9.44 -10.41
C ALA A 62 11.48 8.28 -10.94
N TRP A 63 11.44 7.14 -10.25
CA TRP A 63 12.16 5.96 -10.71
C TRP A 63 11.70 5.53 -12.10
N ARG A 64 10.39 5.62 -12.36
CA ARG A 64 9.89 5.23 -13.67
C ARG A 64 10.34 6.20 -14.76
N VAL A 65 10.35 7.51 -14.46
CA VAL A 65 10.89 8.47 -15.42
C VAL A 65 12.34 8.14 -15.74
N LEU A 66 13.17 7.93 -14.71
CA LEU A 66 14.59 7.69 -14.92
C LEU A 66 14.84 6.35 -15.59
N SER A 67 14.06 5.31 -15.22
N SER A 67 14.06 5.32 -15.23
CA SER A 67 14.22 4.00 -15.82
CA SER A 67 14.24 4.01 -15.83
C SER A 67 13.96 4.06 -17.32
C SER A 67 13.96 4.05 -17.33
N SER A 68 12.93 4.79 -17.74
CA SER A 68 12.62 4.88 -19.16
C SER A 68 13.73 5.63 -19.90
N ILE A 69 14.23 6.71 -19.31
CA ILE A 69 15.38 7.40 -19.91
C ILE A 69 16.57 6.46 -20.01
N GLU A 70 16.83 5.69 -18.95
CA GLU A 70 17.95 4.76 -18.95
C GLU A 70 17.79 3.70 -20.03
N GLN A 71 16.58 3.18 -20.19
CA GLN A 71 16.34 2.17 -21.22
C GLN A 71 16.52 2.75 -22.61
N LYS A 72 15.96 3.94 -22.85
CA LYS A 72 16.17 4.61 -24.14
C LYS A 72 17.65 4.80 -24.43
N SER A 73 18.46 5.04 -23.39
CA SER A 73 19.89 5.26 -23.59
C SER A 73 20.65 3.97 -23.85
N ASN A 74 20.23 2.85 -23.27
CA ASN A 74 20.93 1.58 -23.45
C ASN A 74 20.29 0.73 -24.55
N GLY A 82 27.28 9.64 -19.91
CA GLY A 82 27.87 8.39 -19.48
C GLY A 82 27.07 7.68 -18.40
N PRO A 83 27.66 7.54 -17.21
CA PRO A 83 27.00 6.80 -16.14
C PRO A 83 25.91 7.55 -15.38
N GLU A 84 25.59 8.79 -15.77
CA GLU A 84 24.79 9.64 -14.90
C GLU A 84 23.35 9.14 -14.77
N VAL A 85 22.72 8.74 -15.87
CA VAL A 85 21.32 8.29 -15.78
C VAL A 85 21.21 7.05 -14.89
N ARG A 86 22.10 6.08 -15.11
CA ARG A 86 22.12 4.88 -14.26
C ARG A 86 22.42 5.26 -12.81
N GLU A 87 23.42 6.12 -12.60
CA GLU A 87 23.78 6.50 -11.24
C GLU A 87 22.63 7.17 -10.52
N TYR A 88 21.92 8.06 -11.22
CA TYR A 88 20.84 8.79 -10.57
C TYR A 88 19.62 7.89 -10.36
N ARG A 89 19.32 7.01 -11.32
CA ARG A 89 18.28 6.00 -11.09
C ARG A 89 18.59 5.14 -9.87
N GLU A 90 19.86 4.75 -9.71
CA GLU A 90 20.25 3.94 -8.57
C GLU A 90 20.13 4.71 -7.26
N LYS A 91 20.41 6.01 -7.29
N LYS A 91 20.40 6.02 -7.29
CA LYS A 91 20.24 6.81 -6.09
CA LYS A 91 20.24 6.82 -6.09
C LYS A 91 18.78 6.85 -5.67
C LYS A 91 18.78 6.86 -5.66
N VAL A 92 17.88 7.16 -6.61
CA VAL A 92 16.46 7.22 -6.30
C VAL A 92 15.97 5.86 -5.84
N GLU A 93 16.47 4.80 -6.49
CA GLU A 93 16.09 3.43 -6.15
C GLU A 93 16.52 3.07 -4.73
N THR A 94 17.73 3.47 -4.34
CA THR A 94 18.17 3.21 -2.97
C THR A 94 17.32 3.97 -1.96
N GLU A 95 16.93 5.21 -2.28
N GLU A 95 16.95 5.21 -2.28
CA GLU A 95 16.12 5.96 -1.34
CA GLU A 95 16.11 5.99 -1.38
C GLU A 95 14.72 5.35 -1.22
C GLU A 95 14.74 5.35 -1.23
N LEU A 96 14.17 4.88 -2.34
CA LEU A 96 12.89 4.19 -2.31
C LEU A 96 12.96 2.92 -1.46
N GLN A 97 14.02 2.13 -1.66
CA GLN A 97 14.18 0.92 -0.88
C GLN A 97 14.30 1.24 0.60
N GLY A 98 14.94 2.37 0.94
CA GLY A 98 15.05 2.74 2.34
C GLY A 98 13.70 3.05 2.95
N VAL A 99 12.85 3.77 2.22
CA VAL A 99 11.51 4.07 2.73
C VAL A 99 10.70 2.78 2.89
N CYS A 100 10.74 1.89 1.89
CA CYS A 100 10.01 0.63 2.03
C CYS A 100 10.51 -0.17 3.24
N ASP A 101 11.83 -0.22 3.43
CA ASP A 101 12.39 -0.93 4.59
C ASP A 101 11.93 -0.31 5.90
N THR A 102 11.82 1.03 5.94
CA THR A 102 11.35 1.70 7.15
C THR A 102 9.92 1.30 7.46
N VAL A 103 9.04 1.32 6.46
CA VAL A 103 7.65 0.93 6.67
C VAL A 103 7.56 -0.52 7.12
N LEU A 104 8.24 -1.42 6.39
CA LEU A 104 8.23 -2.83 6.76
C LEU A 104 8.75 -3.04 8.17
N GLY A 105 9.71 -2.21 8.59
CA GLY A 105 10.22 -2.31 9.94
C GLY A 105 9.20 -1.90 10.99
N LEU A 106 8.41 -0.86 10.69
CA LEU A 106 7.32 -0.49 11.60
C LEU A 106 6.27 -1.59 11.68
N LEU A 107 5.95 -2.21 10.54
CA LEU A 107 4.97 -3.29 10.58
C LEU A 107 5.48 -4.47 11.39
N ASP A 108 6.75 -4.82 11.26
N ASP A 108 6.76 -4.79 11.26
CA ASP A 108 7.26 -5.98 12.01
CA ASP A 108 7.34 -5.92 11.96
C ASP A 108 7.75 -5.64 13.40
C ASP A 108 7.60 -5.62 13.43
N SER A 109 7.80 -4.35 13.78
CA SER A 109 8.18 -3.94 15.13
C SER A 109 7.33 -2.74 15.58
N HIS A 110 6.09 -2.98 16.01
CA HIS A 110 5.50 -4.29 16.24
C HIS A 110 4.03 -4.24 15.87
N LEU A 111 3.69 -3.48 14.82
CA LEU A 111 2.29 -3.24 14.49
C LEU A 111 1.54 -4.54 14.24
N ILE A 112 2.11 -5.44 13.43
CA ILE A 112 1.37 -6.62 13.02
C ILE A 112 1.15 -7.56 14.22
N LYS A 113 2.20 -7.79 15.01
CA LYS A 113 2.03 -8.76 16.09
C LYS A 113 1.04 -8.27 17.13
N GLU A 114 0.90 -6.95 17.30
CA GLU A 114 -0.07 -6.44 18.27
C GLU A 114 -1.47 -6.23 17.69
N ALA A 115 -1.68 -6.51 16.40
CA ALA A 115 -2.95 -6.25 15.74
C ALA A 115 -3.84 -7.48 15.90
N GLY A 116 -4.79 -7.40 16.81
CA GLY A 116 -5.65 -8.54 17.12
C GLY A 116 -6.94 -8.57 16.33
N ASP A 117 -7.52 -7.39 16.11
CA ASP A 117 -8.78 -7.32 15.38
C ASP A 117 -8.54 -7.53 13.89
N ALA A 118 -9.56 -8.08 13.23
CA ALA A 118 -9.46 -8.33 11.80
C ALA A 118 -9.18 -7.05 11.02
N GLU A 119 -9.84 -5.93 11.40
CA GLU A 119 -9.66 -4.71 10.64
C GLU A 119 -8.21 -4.23 10.70
N SER A 120 -7.61 -4.22 11.90
CA SER A 120 -6.24 -3.74 11.98
C SER A 120 -5.27 -4.73 11.34
N ARG A 121 -5.47 -6.04 11.55
CA ARG A 121 -4.51 -7.01 11.03
C ARG A 121 -4.50 -7.05 9.50
N VAL A 122 -5.69 -7.03 8.88
CA VAL A 122 -5.76 -6.98 7.41
C VAL A 122 -5.12 -5.70 6.88
N PHE A 123 -5.40 -4.55 7.54
CA PHE A 123 -4.80 -3.28 7.13
C PHE A 123 -3.28 -3.37 7.05
N TYR A 124 -2.66 -3.90 8.12
CA TYR A 124 -1.20 -3.94 8.16
C TYR A 124 -0.64 -4.99 7.20
N LEU A 125 -1.34 -6.11 7.01
CA LEU A 125 -0.85 -7.11 6.06
C LEU A 125 -0.96 -6.61 4.62
N LYS A 126 -2.04 -5.86 4.31
CA LYS A 126 -2.11 -5.18 3.03
C LYS A 126 -0.93 -4.22 2.83
N MET A 127 -0.63 -3.40 3.85
CA MET A 127 0.54 -2.52 3.76
C MET A 127 1.80 -3.34 3.48
N LYS A 128 1.97 -4.45 4.21
CA LYS A 128 3.16 -5.27 4.03
C LYS A 128 3.26 -5.80 2.61
N GLY A 129 2.14 -6.28 2.06
CA GLY A 129 2.13 -6.68 0.66
C GLY A 129 2.47 -5.54 -0.28
N ASP A 130 1.91 -4.36 -0.04
CA ASP A 130 2.19 -3.21 -0.91
C ASP A 130 3.66 -2.85 -0.91
N TYR A 131 4.29 -2.80 0.28
CA TYR A 131 5.67 -2.31 0.29
C TYR A 131 6.64 -3.36 -0.24
N TYR A 132 6.36 -4.66 -0.06
CA TYR A 132 7.14 -5.65 -0.79
C TYR A 132 6.89 -5.56 -2.29
N ARG A 133 5.65 -5.25 -2.70
CA ARG A 133 5.38 -5.02 -4.11
C ARG A 133 6.23 -3.88 -4.66
N TYR A 134 6.34 -2.78 -3.91
CA TYR A 134 7.17 -1.67 -4.39
C TYR A 134 8.64 -2.08 -4.46
N LEU A 135 9.11 -2.85 -3.48
CA LEU A 135 10.46 -3.41 -3.59
C LEU A 135 10.59 -4.31 -4.82
N ALA A 136 9.56 -5.13 -5.09
CA ALA A 136 9.64 -6.00 -6.26
C ALA A 136 9.69 -5.22 -7.58
N GLU A 137 9.08 -4.04 -7.63
CA GLU A 137 9.07 -3.26 -8.88
C GLU A 137 10.47 -2.89 -9.32
N VAL A 138 11.41 -2.71 -8.40
CA VAL A 138 12.76 -2.29 -8.73
C VAL A 138 13.78 -3.41 -8.57
N ALA A 139 13.35 -4.61 -8.16
CA ALA A 139 14.27 -5.68 -7.81
C ALA A 139 14.79 -6.41 -9.05
N THR A 140 16.07 -6.82 -9.00
CA THR A 140 16.73 -7.51 -10.10
C THR A 140 17.71 -8.60 -9.68
N GLY A 141 17.90 -8.84 -8.38
CA GLY A 141 19.00 -9.70 -7.96
C GLY A 141 18.64 -11.06 -7.38
N ASP A 142 19.48 -11.56 -6.47
CA ASP A 142 19.29 -12.88 -5.87
C ASP A 142 17.98 -12.98 -5.11
N ASP A 143 17.54 -11.91 -4.48
CA ASP A 143 16.41 -11.94 -3.58
C ASP A 143 15.08 -11.59 -4.25
N LYS A 144 15.07 -11.36 -5.57
CA LYS A 144 13.87 -10.83 -6.22
C LYS A 144 12.71 -11.81 -6.14
N LYS A 145 12.96 -13.11 -6.32
CA LYS A 145 11.86 -14.06 -6.20
C LYS A 145 11.37 -14.11 -4.76
N ARG A 146 12.29 -14.00 -3.80
CA ARG A 146 11.88 -13.99 -2.40
C ARG A 146 11.08 -12.74 -2.07
N ILE A 147 11.44 -11.60 -2.69
CA ILE A 147 10.68 -10.37 -2.47
C ILE A 147 9.26 -10.52 -2.99
N ILE A 148 9.12 -11.10 -4.19
CA ILE A 148 7.80 -11.34 -4.77
C ILE A 148 7.01 -12.28 -3.87
N ASP A 149 7.65 -13.33 -3.35
CA ASP A 149 6.90 -14.26 -2.53
C ASP A 149 6.55 -13.65 -1.19
N SER A 150 7.37 -12.73 -0.68
CA SER A 150 7.01 -12.02 0.55
C SER A 150 5.77 -11.17 0.33
N ALA A 151 5.68 -10.47 -0.80
CA ALA A 151 4.46 -9.73 -1.10
C ALA A 151 3.27 -10.69 -1.18
N ARG A 152 3.42 -11.76 -1.95
N ARG A 152 3.41 -11.77 -1.95
CA ARG A 152 2.33 -12.73 -2.13
CA ARG A 152 2.31 -12.71 -2.13
C ARG A 152 1.85 -13.25 -0.79
C ARG A 152 1.84 -13.26 -0.78
N SER A 153 2.78 -13.64 0.08
CA SER A 153 2.43 -14.25 1.35
C SER A 153 1.69 -13.26 2.25
N ALA A 154 2.11 -12.00 2.26
CA ALA A 154 1.40 -10.99 3.06
C ALA A 154 -0.01 -10.76 2.53
N TYR A 155 -0.13 -10.57 1.20
CA TYR A 155 -1.45 -10.39 0.60
C TYR A 155 -2.36 -11.59 0.86
N GLN A 156 -1.79 -12.80 0.75
CA GLN A 156 -2.60 -14.01 0.91
C GLN A 156 -3.16 -14.14 2.32
N GLU A 157 -2.33 -13.89 3.34
CA GLU A 157 -2.82 -13.95 4.71
C GLU A 157 -3.92 -12.90 4.93
N ALA A 158 -3.72 -11.69 4.40
CA ALA A 158 -4.74 -10.65 4.53
C ALA A 158 -6.03 -11.08 3.85
N MET A 159 -5.93 -11.70 2.68
CA MET A 159 -7.14 -12.16 1.97
C MET A 159 -7.87 -13.22 2.78
N ASP A 160 -7.12 -14.20 3.33
CA ASP A 160 -7.76 -15.26 4.09
C ASP A 160 -8.52 -14.71 5.28
N ILE A 161 -7.92 -13.75 6.01
CA ILE A 161 -8.61 -13.14 7.13
C ILE A 161 -9.82 -12.34 6.65
N SER A 162 -9.63 -11.53 5.59
CA SER A 162 -10.72 -10.65 5.15
C SER A 162 -11.93 -11.46 4.70
N LYS A 163 -11.68 -12.59 4.03
CA LYS A 163 -12.79 -13.42 3.57
C LYS A 163 -13.53 -14.07 4.74
N LYS A 164 -12.82 -14.44 5.80
CA LYS A 164 -13.47 -15.04 6.96
C LYS A 164 -14.15 -14.01 7.84
N GLU A 165 -13.64 -12.78 7.93
CA GLU A 165 -14.03 -11.87 9.00
C GLU A 165 -14.73 -10.60 8.55
N MET A 166 -14.82 -10.29 7.26
CA MET A 166 -15.36 -9.02 6.81
C MET A 166 -16.39 -9.25 5.73
N PRO A 167 -17.36 -8.34 5.59
CA PRO A 167 -18.29 -8.41 4.46
C PRO A 167 -17.57 -8.10 3.15
N PRO A 168 -18.12 -8.56 2.02
CA PRO A 168 -17.44 -8.35 0.73
C PRO A 168 -17.36 -6.88 0.32
N THR A 169 -18.11 -5.98 0.95
CA THR A 169 -18.07 -4.56 0.63
C THR A 169 -17.13 -3.77 1.53
N ASN A 170 -16.53 -4.39 2.53
CA ASN A 170 -15.65 -3.66 3.43
C ASN A 170 -14.55 -2.95 2.63
N PRO A 171 -14.35 -1.63 2.80
CA PRO A 171 -13.37 -0.92 1.96
C PRO A 171 -11.95 -1.49 2.03
N ILE A 172 -11.48 -1.92 3.21
CA ILE A 172 -10.13 -2.46 3.29
C ILE A 172 -10.06 -3.82 2.59
N ARG A 173 -11.12 -4.64 2.70
CA ARG A 173 -11.18 -5.88 1.93
C ARG A 173 -11.16 -5.61 0.43
N LEU A 174 -11.92 -4.60 -0.03
CA LEU A 174 -11.95 -4.25 -1.44
C LEU A 174 -10.60 -3.71 -1.90
N GLY A 175 -10.01 -2.80 -1.12
CA GLY A 175 -8.71 -2.26 -1.50
C GLY A 175 -7.62 -3.30 -1.52
N LEU A 176 -7.67 -4.24 -0.58
CA LEU A 176 -6.70 -5.33 -0.57
C LEU A 176 -6.82 -6.19 -1.83
N ALA A 177 -8.06 -6.55 -2.19
CA ALA A 177 -8.25 -7.36 -3.38
C ALA A 177 -7.81 -6.60 -4.64
N LEU A 178 -8.14 -5.31 -4.71
CA LEU A 178 -7.64 -4.47 -5.81
C LEU A 178 -6.12 -4.55 -5.93
N ASN A 179 -5.40 -4.34 -4.83
CA ASN A 179 -3.94 -4.29 -4.89
C ASN A 179 -3.33 -5.66 -5.11
N PHE A 180 -3.92 -6.71 -4.53
CA PHE A 180 -3.45 -8.07 -4.82
C PHE A 180 -3.64 -8.39 -6.30
N SER A 181 -4.71 -7.88 -6.92
N SER A 181 -4.73 -7.89 -6.90
CA SER A 181 -4.91 -8.13 -8.34
CA SER A 181 -4.96 -8.09 -8.33
C SER A 181 -3.88 -7.38 -9.18
C SER A 181 -3.88 -7.39 -9.15
N VAL A 182 -3.50 -6.17 -8.76
CA VAL A 182 -2.41 -5.46 -9.43
C VAL A 182 -1.11 -6.23 -9.28
N PHE A 183 -0.85 -6.76 -8.07
CA PHE A 183 0.31 -7.61 -7.86
C PHE A 183 0.33 -8.77 -8.86
N HIS A 184 -0.82 -9.46 -9.01
CA HIS A 184 -0.89 -10.57 -9.95
C HIS A 184 -0.57 -10.12 -11.37
N TYR A 185 -1.13 -8.97 -11.78
CA TYR A 185 -0.99 -8.55 -13.17
C TYR A 185 0.43 -8.06 -13.45
N GLU A 186 0.95 -7.20 -12.58
CA GLU A 186 2.16 -6.44 -12.83
C GLU A 186 3.44 -7.13 -12.36
N ILE A 187 3.36 -7.89 -11.27
CA ILE A 187 4.54 -8.41 -10.61
C ILE A 187 4.70 -9.90 -10.85
N ALA A 188 3.62 -10.68 -10.67
CA ALA A 188 3.65 -12.12 -10.78
C ALA A 188 3.39 -12.63 -12.19
N ASN A 189 3.16 -11.73 -13.16
CA ASN A 189 2.88 -12.12 -14.54
C ASN A 189 1.77 -13.16 -14.61
N SER A 190 0.69 -12.91 -13.85
CA SER A 190 -0.47 -13.80 -13.82
C SER A 190 -1.71 -12.97 -14.15
N PRO A 191 -1.84 -12.50 -15.40
CA PRO A 191 -2.99 -11.65 -15.72
C PRO A 191 -4.33 -12.35 -15.57
N GLU A 192 -4.40 -13.66 -15.81
CA GLU A 192 -5.68 -14.33 -15.63
C GLU A 192 -6.09 -14.35 -14.16
N GLU A 193 -5.14 -14.61 -13.26
CA GLU A 193 -5.44 -14.53 -11.84
C GLU A 193 -5.87 -13.11 -11.44
N ALA A 194 -5.17 -12.10 -11.97
CA ALA A 194 -5.55 -10.70 -11.72
C ALA A 194 -6.99 -10.44 -12.14
N ILE A 195 -7.35 -10.87 -13.35
CA ILE A 195 -8.69 -10.63 -13.87
C ILE A 195 -9.74 -11.41 -13.06
N SER A 196 -9.48 -12.68 -12.76
CA SER A 196 -10.43 -13.46 -11.97
C SER A 196 -10.64 -12.86 -10.59
N LEU A 197 -9.56 -12.43 -9.95
CA LEU A 197 -9.71 -11.83 -8.62
C LEU A 197 -10.53 -10.56 -8.68
N ALA A 198 -10.26 -9.70 -9.68
CA ALA A 198 -10.98 -8.43 -9.78
C ALA A 198 -12.47 -8.66 -10.05
N LYS A 199 -12.79 -9.61 -10.93
CA LYS A 199 -14.19 -9.91 -11.27
C LYS A 199 -14.96 -10.45 -10.08
N THR A 200 -14.42 -11.48 -9.43
N THR A 200 -14.44 -11.49 -9.42
CA THR A 200 -15.08 -12.11 -8.29
CA THR A 200 -15.18 -12.06 -8.29
C THR A 200 -15.26 -11.11 -7.14
C THR A 200 -15.30 -11.06 -7.16
N THR A 201 -14.25 -10.27 -6.91
CA THR A 201 -14.35 -9.23 -5.89
C THR A 201 -15.44 -8.24 -6.23
N PHE A 202 -15.48 -7.79 -7.48
CA PHE A 202 -16.51 -6.84 -7.89
C PHE A 202 -17.90 -7.45 -7.75
N ASP A 203 -18.08 -8.67 -8.26
CA ASP A 203 -19.41 -9.27 -8.27
C ASP A 203 -19.92 -9.55 -6.85
N GLU A 204 -19.05 -10.05 -5.97
CA GLU A 204 -19.50 -10.32 -4.61
C GLU A 204 -19.77 -9.03 -3.84
N ALA A 205 -19.06 -7.95 -4.16
CA ALA A 205 -19.39 -6.67 -3.53
C ALA A 205 -20.72 -6.13 -4.05
N MET A 206 -20.92 -6.19 -5.37
N MET A 206 -20.94 -6.20 -5.37
CA MET A 206 -22.19 -5.78 -5.95
CA MET A 206 -22.21 -5.74 -5.92
C MET A 206 -23.37 -6.40 -5.22
C MET A 206 -23.39 -6.41 -5.23
N ALA A 207 -23.30 -7.71 -4.95
CA ALA A 207 -24.39 -8.44 -4.34
C ALA A 207 -24.60 -8.11 -2.87
N ASP A 208 -23.66 -7.42 -2.23
CA ASP A 208 -23.77 -7.03 -0.83
C ASP A 208 -24.08 -5.55 -0.64
N LEU A 209 -24.13 -4.75 -1.71
CA LEU A 209 -24.41 -3.32 -1.56
C LEU A 209 -25.75 -3.07 -0.90
N HIS A 210 -26.71 -3.98 -1.08
CA HIS A 210 -28.06 -3.72 -0.58
C HIS A 210 -28.10 -3.62 0.94
N THR A 211 -27.07 -4.11 1.64
CA THR A 211 -27.02 -4.06 3.09
C THR A 211 -26.51 -2.74 3.64
N LEU A 212 -26.03 -1.83 2.79
CA LEU A 212 -25.26 -0.67 3.22
C LEU A 212 -26.10 0.59 3.33
N SER A 213 -25.69 1.46 4.27
CA SER A 213 -26.13 2.84 4.33
C SER A 213 -25.64 3.60 3.10
N GLU A 214 -26.16 4.82 2.92
CA GLU A 214 -25.74 5.63 1.78
C GLU A 214 -24.24 5.99 1.86
N ASP A 215 -23.73 6.21 3.07
CA ASP A 215 -22.33 6.59 3.19
C ASP A 215 -21.39 5.41 2.96
N SER A 216 -21.75 4.24 3.48
CA SER A 216 -20.95 3.05 3.23
C SER A 216 -21.03 2.64 1.76
N TYR A 217 -22.22 2.77 1.17
CA TYR A 217 -22.39 2.53 -0.25
C TYR A 217 -21.44 3.41 -1.08
N LYS A 218 -21.33 4.70 -0.73
CA LYS A 218 -20.41 5.57 -1.45
C LYS A 218 -18.97 5.07 -1.34
N ASP A 219 -18.56 4.65 -0.15
CA ASP A 219 -17.19 4.17 0.04
C ASP A 219 -16.92 2.93 -0.81
N SER A 220 -17.84 1.97 -0.77
CA SER A 220 -17.61 0.69 -1.44
C SER A 220 -17.63 0.84 -2.95
N THR A 221 -18.60 1.59 -3.49
CA THR A 221 -18.68 1.73 -4.94
C THR A 221 -17.49 2.49 -5.51
N LEU A 222 -16.90 3.41 -4.72
CA LEU A 222 -15.72 4.11 -5.18
C LEU A 222 -14.60 3.12 -5.52
N ILE A 223 -14.38 2.13 -4.65
CA ILE A 223 -13.30 1.18 -4.88
C ILE A 223 -13.70 0.16 -5.93
N MET A 224 -14.98 -0.22 -5.98
CA MET A 224 -15.44 -1.09 -7.07
C MET A 224 -15.17 -0.47 -8.43
N GLN A 225 -15.25 0.86 -8.53
CA GLN A 225 -14.99 1.50 -9.82
C GLN A 225 -13.53 1.33 -10.24
N LEU A 226 -12.61 1.31 -9.27
CA LEU A 226 -11.21 1.04 -9.61
C LEU A 226 -11.02 -0.38 -10.12
N LEU A 227 -11.71 -1.35 -9.49
CA LEU A 227 -11.68 -2.70 -10.01
C LEU A 227 -12.22 -2.75 -11.43
N ARG A 228 -13.31 -2.02 -11.70
CA ARG A 228 -13.87 -2.04 -13.05
C ARG A 228 -12.92 -1.34 -14.03
N ASP A 229 -12.27 -0.27 -13.60
CA ASP A 229 -11.30 0.41 -14.47
C ASP A 229 -10.20 -0.55 -14.91
N ASN A 230 -9.71 -1.37 -13.98
CA ASN A 230 -8.65 -2.31 -14.34
C ASN A 230 -9.18 -3.39 -15.26
N LEU A 231 -10.37 -3.91 -14.97
CA LEU A 231 -10.95 -4.94 -15.83
C LEU A 231 -11.13 -4.41 -17.25
N THR A 232 -11.50 -3.14 -17.38
CA THR A 232 -11.62 -2.53 -18.70
C THR A 232 -10.27 -2.40 -19.38
N LEU A 233 -9.24 -2.03 -18.61
CA LEU A 233 -7.89 -1.95 -19.16
C LEU A 233 -7.35 -3.33 -19.55
N TRP A 234 -7.73 -4.38 -18.82
CA TRP A 234 -7.15 -5.70 -19.00
C TRP A 234 -7.92 -6.61 -19.94
N THR A 235 -9.15 -6.25 -20.31
CA THR A 235 -9.96 -7.14 -21.14
C THR A 235 -10.58 -6.40 -22.32
N ARG B 9 0.47 1.12 -15.19
CA ARG B 9 -0.76 1.46 -15.90
C ARG B 9 -2.08 1.19 -15.12
N PRO B 10 -2.21 0.06 -14.40
CA PRO B 10 -3.46 -0.19 -13.68
C PRO B 10 -3.53 0.59 -12.37
N SER B 11 -4.76 0.71 -11.87
CA SER B 11 -4.98 1.48 -10.64
C SER B 11 -4.87 0.58 -9.42
N SEP B 12 -3.99 0.94 -8.50
CA SEP B 12 -3.99 0.34 -7.18
CB SEP B 12 -2.57 0.19 -6.63
OG SEP B 12 -1.98 1.47 -6.57
C SEP B 12 -4.82 1.27 -6.32
O SEP B 12 -5.25 2.32 -6.80
P SEP B 12 -0.41 1.41 -6.20
O1P SEP B 12 0.38 0.60 -7.33
O2P SEP B 12 0.03 2.95 -6.15
O3P SEP B 12 -0.29 0.72 -4.76
N TRP B 13 -5.03 0.93 -5.06
CA TRP B 13 -5.89 1.78 -4.26
C TRP B 13 -5.27 3.17 -4.12
N ARG B 14 -6.12 4.19 -4.20
CA ARG B 14 -5.72 5.57 -3.98
C ARG B 14 -6.95 6.37 -3.59
N GLN B 15 -6.74 7.44 -2.82
CA GLN B 15 -7.85 8.27 -2.34
C GLN B 15 -8.48 9.12 -3.45
C02 TJ8 C . -6.03 0.36 1.04
C03 TJ8 C . -7.31 1.05 1.43
C04 TJ8 C . -7.19 2.05 2.38
C06 TJ8 C . -8.32 2.72 2.77
C07 TJ8 C . -8.57 0.71 0.86
C08 TJ8 C . -9.67 1.38 1.27
C09 TJ8 C . -9.55 2.39 2.24
C11 TJ8 C . -11.09 3.31 4.01
C12 TJ8 C . -10.44 2.77 5.28
C13 TJ8 C . -9.98 1.46 5.37
C14 TJ8 C . -9.40 1.00 6.53
C15 TJ8 C . -9.26 1.83 7.64
C16 TJ8 C . -9.73 3.13 7.54
C17 TJ8 C . -10.32 3.61 6.38
C19 TJ8 C . -12.49 4.37 2.77
C20 TJ8 C . -11.56 3.79 1.95
N10 TJ8 C . -10.71 3.15 2.71
N18 TJ8 C . -12.20 4.07 4.01
BR5 TJ8 C . -5.45 2.54 3.17
MG MG D . -3.97 -5.69 20.15
#